data_7BFX
#
_entry.id   7BFX
#
_entity_poly.entity_id   1
_entity_poly.type   'polydeoxyribonucleotide'
_entity_poly.pdbx_seq_one_letter_code
;(DA)(DG)(DC)(DA)(DA)(DT)(DC)(DC)(DC)(DC)(DC)(DC)(DG)(DG)(DA)(DT)(DT)(DG)(DC)(DT)
;
_entity_poly.pdbx_strand_id   A
#